data_1HNU
#
_entry.id   1HNU
#
_cell.length_a   116.139
_cell.length_b   116.139
_cell.length_c   123.276
_cell.angle_alpha   90.00
_cell.angle_beta   90.00
_cell.angle_gamma   120.00
#
_symmetry.space_group_name_H-M   'P 63 2 2'
#
loop_
_entity.id
_entity.type
_entity.pdbx_description
1 polymer 'D3,D2-ENOYL COA ISOMERASE ECI1'
2 non-polymer PERRHENATE
3 non-polymer 1,2-ETHANEDIOL
4 water water
#
_entity_poly.entity_id   1
_entity_poly.type   'polypeptide(L)'
_entity_poly.pdbx_seq_one_letter_code
;MSQEIRQNEKISYRIEGPFFIIHLINPDNLNALEGEDYIYLGELLELADRNRDVYFTIIQSSGRFFSSGADFKGIAKAQG
DDTNKYPSETSKWVSNFVARNVYVTDAFIKHSKVLICCLNGPAIGLSAALVALCDIVYSINDKVYLLYPFANLGLITEGG
TTVSLPLKFGTNTTYECLMFNKPFKYDIMCENGFISKNFNMPSSNAEAFNAKVLEELREKVKGLYLPSCLGMKKLLKSNH
IDAFNKANSVEVNESLKYWVDGEPLKRFRQLGSKQRKHRL
;
_entity_poly.pdbx_strand_id   A
#
# COMPACT_ATOMS: atom_id res chain seq x y z
N ASN A 8 -0.08 17.69 -8.60
CA ASN A 8 0.99 16.75 -8.15
C ASN A 8 1.89 16.25 -9.28
N GLU A 9 3.18 16.33 -9.05
CA GLU A 9 4.23 16.00 -9.98
C GLU A 9 4.82 14.61 -9.70
N LYS A 10 4.54 14.07 -8.52
CA LYS A 10 5.14 12.77 -8.19
C LYS A 10 4.21 11.63 -8.52
N ILE A 11 2.95 11.95 -8.82
CA ILE A 11 1.93 10.95 -9.06
C ILE A 11 1.00 11.37 -10.18
N SER A 12 0.77 10.49 -11.15
CA SER A 12 -0.13 10.74 -12.26
C SER A 12 -1.21 9.65 -12.27
N TYR A 13 -2.17 9.83 -13.16
CA TYR A 13 -3.20 8.80 -13.23
C TYR A 13 -3.83 8.89 -14.60
N ARG A 14 -4.53 7.84 -14.97
CA ARG A 14 -5.23 7.88 -16.26
C ARG A 14 -6.23 6.74 -16.18
N ILE A 15 -7.19 6.80 -17.07
CA ILE A 15 -8.21 5.77 -17.16
C ILE A 15 -8.11 5.12 -18.54
N GLU A 16 -8.25 3.83 -18.60
CA GLU A 16 -8.10 2.98 -19.78
C GLU A 16 -9.16 1.88 -19.70
N GLY A 17 -10.31 2.10 -20.35
CA GLY A 17 -11.42 1.16 -20.31
C GLY A 17 -11.88 1.09 -18.83
N PRO A 18 -11.88 -0.11 -18.25
CA PRO A 18 -12.35 -0.26 -16.88
C PRO A 18 -11.29 -0.04 -15.83
N PHE A 19 -10.07 0.33 -16.16
CA PHE A 19 -8.92 0.45 -15.34
C PHE A 19 -8.58 1.93 -15.07
N PHE A 20 -8.51 2.26 -13.80
CA PHE A 20 -8.06 3.59 -13.36
C PHE A 20 -6.66 3.30 -12.86
N ILE A 21 -5.69 3.87 -13.51
CA ILE A 21 -4.28 3.63 -13.28
C ILE A 21 -3.62 4.78 -12.61
N ILE A 22 -2.95 4.48 -11.50
CA ILE A 22 -2.28 5.47 -10.68
C ILE A 22 -0.80 5.16 -10.79
N HIS A 23 0.04 6.16 -11.00
CA HIS A 23 1.47 5.82 -11.22
C HIS A 23 2.36 6.69 -10.38
N LEU A 24 3.25 6.12 -9.56
CA LEU A 24 4.18 6.85 -8.71
C LEU A 24 5.36 7.12 -9.66
N ILE A 25 5.70 8.41 -9.91
CA ILE A 25 6.70 8.65 -10.94
C ILE A 25 7.81 9.57 -10.40
N ASN A 26 8.48 9.20 -9.36
CA ASN A 26 9.58 9.84 -8.71
C ASN A 26 10.67 8.85 -8.33
N PRO A 27 11.19 8.14 -9.33
CA PRO A 27 12.21 7.12 -9.18
C PRO A 27 13.52 7.61 -8.62
N ASP A 28 13.88 8.88 -8.82
CA ASP A 28 15.17 9.37 -8.28
C ASP A 28 15.15 9.38 -6.77
N ASN A 29 13.98 9.64 -6.19
CA ASN A 29 13.82 9.67 -4.75
C ASN A 29 13.19 8.38 -4.23
N LEU A 30 13.18 7.33 -5.03
CA LEU A 30 12.66 6.00 -4.63
C LEU A 30 11.20 6.09 -4.19
N ASN A 31 10.42 6.90 -4.86
CA ASN A 31 9.06 7.20 -4.62
C ASN A 31 8.70 7.32 -3.13
N ALA A 32 9.59 7.94 -2.37
CA ALA A 32 9.33 8.40 -1.03
C ALA A 32 8.15 9.39 -1.13
N LEU A 33 7.25 9.35 -0.15
CA LEU A 33 6.08 10.18 -0.20
C LEU A 33 5.95 11.05 1.04
N GLU A 34 5.45 12.27 0.84
CA GLU A 34 5.18 13.18 1.96
C GLU A 34 3.70 13.07 2.28
N GLY A 35 3.24 13.75 3.31
CA GLY A 35 1.86 13.78 3.72
C GLY A 35 0.90 14.16 2.60
N GLU A 36 1.30 15.17 1.82
CA GLU A 36 0.45 15.67 0.76
C GLU A 36 0.37 14.63 -0.38
N ASP A 37 1.41 13.84 -0.56
CA ASP A 37 1.36 12.78 -1.62
C ASP A 37 0.40 11.65 -1.19
N TYR A 38 0.40 11.36 0.13
CA TYR A 38 -0.56 10.37 0.67
C TYR A 38 -2.00 10.87 0.68
N ILE A 39 -2.22 12.17 0.87
CA ILE A 39 -3.58 12.72 0.69
C ILE A 39 -4.01 12.61 -0.74
N TYR A 40 -3.12 13.08 -1.62
CA TYR A 40 -3.41 13.05 -3.07
C TYR A 40 -3.71 11.61 -3.52
N LEU A 41 -2.95 10.64 -2.99
CA LEU A 41 -3.29 9.19 -3.33
C LEU A 41 -4.68 8.81 -2.87
N GLY A 42 -5.07 9.29 -1.69
CA GLY A 42 -6.45 9.03 -1.19
C GLY A 42 -7.54 9.65 -1.99
N GLU A 43 -7.27 10.90 -2.48
CA GLU A 43 -8.22 11.58 -3.35
C GLU A 43 -8.34 10.92 -4.71
N LEU A 44 -7.21 10.39 -5.20
CA LEU A 44 -7.29 9.61 -6.46
C LEU A 44 -8.17 8.39 -6.30
N LEU A 45 -8.02 7.69 -5.15
CA LEU A 45 -8.90 6.50 -4.94
C LEU A 45 -10.35 6.90 -4.83
N GLU A 46 -10.65 8.05 -4.18
CA GLU A 46 -12.01 8.59 -4.20
C GLU A 46 -12.54 8.85 -5.60
N LEU A 47 -11.68 9.44 -6.45
CA LEU A 47 -12.10 9.70 -7.84
C LEU A 47 -12.38 8.39 -8.56
N ALA A 48 -11.44 7.41 -8.35
CA ALA A 48 -11.75 6.10 -9.02
C ALA A 48 -12.98 5.46 -8.51
N ASP A 49 -13.23 5.60 -7.17
CA ASP A 49 -14.36 4.91 -6.52
C ASP A 49 -15.69 5.46 -7.01
N ARG A 50 -15.66 6.75 -7.46
CA ARG A 50 -16.96 7.35 -7.84
C ARG A 50 -17.20 7.30 -9.34
N ASN A 51 -16.17 6.88 -10.08
CA ASN A 51 -16.32 6.68 -11.52
C ASN A 51 -17.02 5.37 -11.82
N ARG A 52 -18.27 5.46 -12.30
CA ARG A 52 -19.04 4.29 -12.65
C ARG A 52 -18.46 3.49 -13.80
N ASP A 53 -17.48 3.97 -14.56
CA ASP A 53 -16.88 3.14 -15.59
C ASP A 53 -15.68 2.38 -15.03
N VAL A 54 -15.15 2.81 -13.88
CA VAL A 54 -13.93 2.07 -13.42
C VAL A 54 -14.30 0.83 -12.62
N TYR A 55 -13.64 -0.32 -12.91
CA TYR A 55 -13.84 -1.51 -12.11
C TYR A 55 -12.62 -1.93 -11.32
N PHE A 56 -11.43 -1.58 -11.75
CA PHE A 56 -10.17 -1.90 -11.17
C PHE A 56 -9.33 -0.64 -10.99
N THR A 57 -8.65 -0.55 -9.87
CA THR A 57 -7.77 0.56 -9.53
C THR A 57 -6.39 -0.03 -9.41
N ILE A 58 -5.55 0.28 -10.41
CA ILE A 58 -4.21 -0.31 -10.47
C ILE A 58 -3.17 0.68 -9.97
N ILE A 59 -2.35 0.26 -9.01
CA ILE A 59 -1.32 1.12 -8.48
C ILE A 59 0.02 0.65 -9.03
N GLN A 60 0.76 1.52 -9.69
CA GLN A 60 2.04 1.22 -10.35
C GLN A 60 3.05 2.26 -9.97
N SER A 61 4.33 1.86 -9.96
CA SER A 61 5.37 2.83 -9.57
C SER A 61 6.48 2.85 -10.64
N SER A 62 7.73 3.06 -10.26
CA SER A 62 8.75 3.35 -11.31
C SER A 62 10.12 3.19 -10.69
N GLY A 63 11.14 2.82 -11.50
CA GLY A 63 12.47 2.73 -10.84
C GLY A 63 12.58 1.37 -10.09
N ARG A 64 13.55 1.27 -9.20
CA ARG A 64 13.89 0.07 -8.48
C ARG A 64 13.12 -0.15 -7.17
N PHE A 65 12.50 0.86 -6.61
CA PHE A 65 11.69 0.77 -5.39
C PHE A 65 10.23 1.04 -5.75
N PHE A 66 9.30 0.37 -5.03
CA PHE A 66 7.89 0.70 -5.24
C PHE A 66 7.73 2.06 -4.50
N SER A 67 8.35 2.10 -3.34
CA SER A 67 8.34 3.23 -2.45
C SER A 67 9.11 2.96 -1.16
N SER A 68 9.99 3.88 -0.77
CA SER A 68 10.72 3.89 0.46
C SER A 68 9.91 4.44 1.63
N GLY A 69 8.63 4.73 1.53
CA GLY A 69 7.83 5.12 2.68
C GLY A 69 7.75 6.65 2.85
N ALA A 70 7.48 7.09 4.08
CA ALA A 70 7.37 8.50 4.39
C ALA A 70 8.65 9.32 4.14
N ASP A 71 8.47 10.45 3.47
CA ASP A 71 9.61 11.34 3.15
C ASP A 71 9.78 12.38 4.26
N PHE A 72 10.86 12.34 5.03
CA PHE A 72 11.07 13.40 6.02
C PHE A 72 12.06 14.47 5.53
N LYS A 73 11.57 15.60 5.04
CA LYS A 73 12.44 16.70 4.60
C LYS A 73 13.77 16.17 4.05
N GLU A 89 6.92 24.07 19.45
CA GLU A 89 5.76 23.15 19.27
C GLU A 89 4.99 23.41 17.99
N THR A 90 5.74 23.78 16.93
CA THR A 90 5.22 23.70 15.55
C THR A 90 5.40 22.22 15.14
N SER A 91 6.19 21.53 15.97
CA SER A 91 6.48 20.15 16.08
C SER A 91 5.23 19.33 16.40
N LYS A 92 4.20 19.94 16.98
CA LYS A 92 2.86 19.38 16.91
C LYS A 92 2.34 19.19 15.48
N TRP A 93 3.13 19.11 14.45
CA TRP A 93 3.23 18.73 13.08
C TRP A 93 3.02 17.22 12.86
N VAL A 94 3.00 16.49 13.96
CA VAL A 94 2.70 15.09 14.03
C VAL A 94 1.17 14.90 13.97
N SER A 95 0.39 15.97 14.16
CA SER A 95 -1.06 15.84 13.99
C SER A 95 -1.42 15.74 12.51
N ASN A 96 -0.65 16.43 11.66
CA ASN A 96 -0.96 16.39 10.22
C ASN A 96 -0.41 15.09 9.62
N PHE A 97 0.59 14.57 10.27
CA PHE A 97 1.20 13.30 10.00
C PHE A 97 0.27 12.11 10.27
N VAL A 98 -0.26 12.07 11.47
CA VAL A 98 -1.24 11.14 11.93
C VAL A 98 -2.54 11.30 11.18
N ALA A 99 -2.87 12.55 10.81
CA ALA A 99 -4.13 12.75 10.07
C ALA A 99 -4.00 12.29 8.63
N ARG A 100 -2.80 12.39 8.08
CA ARG A 100 -2.63 11.94 6.69
C ARG A 100 -2.54 10.42 6.61
N ASN A 101 -1.91 9.75 7.57
CA ASN A 101 -1.93 8.30 7.61
C ASN A 101 -3.35 7.73 7.71
N VAL A 102 -4.17 8.22 8.62
CA VAL A 102 -5.55 7.74 8.77
C VAL A 102 -6.39 7.92 7.55
N TYR A 103 -6.20 9.10 6.91
CA TYR A 103 -7.07 9.44 5.79
C TYR A 103 -6.77 8.49 4.59
N VAL A 104 -5.55 8.26 4.24
CA VAL A 104 -5.16 7.40 3.11
C VAL A 104 -5.39 5.93 3.47
N THR A 105 -5.21 5.56 4.74
CA THR A 105 -5.56 4.14 5.11
C THR A 105 -7.05 3.88 4.93
N ASP A 106 -7.85 4.82 5.47
CA ASP A 106 -9.32 4.72 5.35
C ASP A 106 -9.77 4.69 3.90
N ALA A 107 -9.10 5.46 3.01
CA ALA A 107 -9.40 5.40 1.60
C ALA A 107 -9.12 3.99 1.02
N PHE A 108 -8.02 3.34 1.39
CA PHE A 108 -7.75 1.97 0.86
C PHE A 108 -8.74 0.96 1.42
N ILE A 109 -9.05 1.09 2.74
CA ILE A 109 -9.98 0.15 3.38
C ILE A 109 -11.33 0.16 2.75
N LYS A 110 -11.88 1.36 2.43
CA LYS A 110 -13.29 1.42 2.01
C LYS A 110 -13.44 1.39 0.49
N HIS A 111 -12.32 1.36 -0.20
CA HIS A 111 -12.42 1.42 -1.70
C HIS A 111 -13.26 0.31 -2.21
N SER A 112 -14.23 0.52 -3.12
CA SER A 112 -15.07 -0.51 -3.61
C SER A 112 -14.64 -1.18 -4.92
N LYS A 113 -13.61 -0.68 -5.55
CA LYS A 113 -13.13 -1.21 -6.85
C LYS A 113 -11.95 -2.16 -6.52
N VAL A 114 -11.65 -3.06 -7.40
CA VAL A 114 -10.63 -4.09 -7.17
C VAL A 114 -9.28 -3.42 -7.14
N LEU A 115 -8.55 -3.46 -6.03
CA LEU A 115 -7.29 -2.76 -5.93
C LEU A 115 -6.15 -3.74 -6.24
N ILE A 116 -5.29 -3.33 -7.15
CA ILE A 116 -4.20 -4.17 -7.64
C ILE A 116 -2.89 -3.45 -7.57
N CYS A 117 -1.95 -4.05 -6.85
CA CYS A 117 -0.65 -3.37 -6.73
C CYS A 117 0.32 -4.05 -7.70
N CYS A 118 1.10 -3.22 -8.40
CA CYS A 118 2.15 -3.80 -9.27
C CYS A 118 3.40 -3.49 -8.52
N LEU A 119 3.99 -4.47 -7.83
CA LEU A 119 5.13 -4.16 -6.97
C LEU A 119 6.41 -4.29 -7.83
N ASN A 120 7.01 -3.16 -8.20
CA ASN A 120 8.17 -3.10 -9.06
C ASN A 120 9.46 -3.07 -8.24
N GLY A 121 9.34 -3.14 -6.93
CA GLY A 121 10.48 -3.25 -6.01
C GLY A 121 9.98 -3.18 -4.57
N PRO A 122 10.88 -3.05 -3.61
CA PRO A 122 10.50 -2.94 -2.21
C PRO A 122 9.60 -1.78 -1.87
N ALA A 123 8.83 -1.96 -0.80
CA ALA A 123 7.92 -0.96 -0.24
C ALA A 123 8.21 -0.98 1.27
N ILE A 124 8.34 0.16 1.89
CA ILE A 124 8.69 0.35 3.28
C ILE A 124 7.66 1.28 3.98
N GLY A 125 7.36 1.06 5.22
CA GLY A 125 6.47 1.84 6.04
C GLY A 125 5.04 1.90 5.61
N LEU A 126 4.54 3.16 5.55
CA LEU A 126 3.11 3.34 5.27
C LEU A 126 2.79 2.80 3.92
N SER A 127 3.73 3.04 2.98
CA SER A 127 3.49 2.55 1.60
C SER A 127 3.51 1.04 1.52
N ALA A 128 4.25 0.33 2.38
CA ALA A 128 4.18 -1.12 2.54
C ALA A 128 2.87 -1.49 3.22
N ALA A 129 2.28 -0.55 4.00
CA ALA A 129 1.01 -0.89 4.68
C ALA A 129 -0.11 -0.89 3.63
N LEU A 130 -0.02 0.06 2.71
CA LEU A 130 -1.00 0.17 1.63
C LEU A 130 -0.90 -0.97 0.61
N VAL A 131 0.28 -1.47 0.30
CA VAL A 131 0.44 -2.66 -0.51
C VAL A 131 -0.32 -3.84 0.16
N ALA A 132 -0.23 -3.94 1.50
CA ALA A 132 -0.94 -5.04 2.19
C ALA A 132 -2.46 -4.86 2.23
N LEU A 133 -3.01 -3.71 1.84
CA LEU A 133 -4.44 -3.44 1.77
C LEU A 133 -4.98 -3.64 0.36
N CYS A 134 -4.05 -3.91 -0.60
CA CYS A 134 -4.60 -4.12 -1.97
C CYS A 134 -5.14 -5.55 -2.04
N ASP A 135 -6.10 -5.75 -2.97
CA ASP A 135 -6.71 -7.05 -3.11
C ASP A 135 -5.80 -8.09 -3.76
N ILE A 136 -4.93 -7.63 -4.66
CA ILE A 136 -4.14 -8.53 -5.53
C ILE A 136 -2.80 -7.86 -5.70
N VAL A 137 -1.72 -8.60 -5.72
CA VAL A 137 -0.39 -8.01 -5.83
C VAL A 137 0.44 -8.81 -6.85
N TYR A 138 1.07 -8.12 -7.81
CA TYR A 138 1.96 -8.77 -8.75
C TYR A 138 3.38 -8.31 -8.45
N SER A 139 4.39 -9.17 -8.63
CA SER A 139 5.75 -8.74 -8.31
C SER A 139 6.59 -8.75 -9.61
N ILE A 140 7.50 -7.78 -9.68
CA ILE A 140 8.41 -7.70 -10.83
C ILE A 140 9.40 -8.84 -10.80
N ASN A 141 9.98 -9.12 -9.64
CA ASN A 141 10.96 -10.22 -9.53
C ASN A 141 11.11 -10.62 -8.05
N ASP A 142 11.99 -11.55 -7.73
CA ASP A 142 12.09 -12.12 -6.38
C ASP A 142 12.90 -11.29 -5.45
N LYS A 143 13.24 -10.05 -5.86
CA LYS A 143 13.97 -9.21 -4.89
C LYS A 143 13.01 -8.29 -4.16
N VAL A 144 11.72 -8.29 -4.50
CA VAL A 144 10.79 -7.39 -3.74
C VAL A 144 10.76 -7.80 -2.27
N TYR A 145 10.43 -6.85 -1.38
CA TYR A 145 10.24 -7.18 0.03
C TYR A 145 9.34 -6.09 0.61
N LEU A 146 8.75 -6.40 1.77
CA LEU A 146 7.92 -5.34 2.43
C LEU A 146 8.61 -5.11 3.79
N LEU A 147 8.85 -3.86 4.17
CA LEU A 147 9.47 -3.68 5.50
C LEU A 147 8.63 -2.71 6.31
N TYR A 148 8.40 -3.07 7.59
CA TYR A 148 7.59 -2.26 8.50
C TYR A 148 8.53 -2.04 9.72
N PRO A 149 9.27 -0.95 9.70
CA PRO A 149 10.30 -0.70 10.72
C PRO A 149 9.77 0.10 11.87
N PHE A 150 8.57 -0.30 12.37
CA PHE A 150 7.97 0.44 13.48
C PHE A 150 8.85 0.36 14.72
N ALA A 151 9.40 -0.81 15.01
CA ALA A 151 10.14 -0.94 16.26
C ALA A 151 11.44 -0.09 16.25
N ASN A 152 11.99 0.19 15.11
CA ASN A 152 13.17 0.99 14.87
C ASN A 152 12.88 2.50 14.85
N LEU A 153 11.61 2.88 14.77
CA LEU A 153 11.25 4.30 14.77
C LEU A 153 10.57 4.71 16.06
N GLY A 154 10.43 3.82 17.01
CA GLY A 154 9.76 4.07 18.30
C GLY A 154 8.26 4.24 18.06
N LEU A 155 7.72 3.50 17.07
CA LEU A 155 6.30 3.57 16.78
C LEU A 155 5.62 2.22 16.88
N ILE A 156 4.30 2.20 16.54
CA ILE A 156 3.61 0.88 16.58
C ILE A 156 2.96 0.62 15.24
N THR A 157 2.11 -0.41 15.14
CA THR A 157 1.54 -0.71 13.81
C THR A 157 0.76 0.47 13.26
N GLU A 158 0.81 0.63 11.93
CA GLU A 158 -0.02 1.68 11.35
C GLU A 158 -0.58 1.17 10.03
N GLY A 159 -1.45 1.98 9.42
CA GLY A 159 -1.95 1.65 8.10
C GLY A 159 -2.82 0.40 8.11
N GLY A 160 -3.32 -0.03 9.31
CA GLY A 160 -4.20 -1.25 9.27
C GLY A 160 -3.35 -2.52 9.27
N THR A 161 -2.05 -2.42 9.52
CA THR A 161 -1.15 -3.61 9.51
C THR A 161 -1.37 -4.51 10.72
N THR A 162 -1.99 -3.95 11.77
CA THR A 162 -2.38 -4.75 12.94
C THR A 162 -3.24 -5.90 12.42
N VAL A 163 -4.17 -5.61 11.50
CA VAL A 163 -5.01 -6.67 10.94
C VAL A 163 -4.46 -7.31 9.67
N SER A 164 -3.96 -6.55 8.72
CA SER A 164 -3.55 -7.06 7.39
C SER A 164 -2.34 -7.98 7.40
N LEU A 165 -1.42 -7.80 8.35
CA LEU A 165 -0.25 -8.65 8.37
C LEU A 165 -0.51 -10.05 8.88
N PRO A 166 -1.19 -10.25 9.99
CA PRO A 166 -1.55 -11.57 10.45
C PRO A 166 -2.55 -12.21 9.48
N LEU A 167 -3.40 -11.43 8.85
CA LEU A 167 -4.34 -11.93 7.86
C LEU A 167 -3.58 -12.55 6.67
N LYS A 168 -2.60 -11.77 6.17
CA LYS A 168 -1.98 -12.23 4.90
C LYS A 168 -0.70 -13.01 5.07
N PHE A 169 -0.04 -12.89 6.22
CA PHE A 169 1.21 -13.64 6.42
C PHE A 169 1.14 -14.57 7.59
N GLY A 170 0.02 -14.59 8.34
CA GLY A 170 0.02 -15.53 9.52
C GLY A 170 0.54 -14.83 10.76
N THR A 171 0.08 -15.22 11.94
CA THR A 171 0.40 -14.53 13.17
C THR A 171 1.86 -14.79 13.59
N ASN A 172 2.41 -15.99 13.59
CA ASN A 172 3.84 -16.13 14.04
C ASN A 172 4.86 -15.41 13.18
N THR A 173 4.71 -15.46 11.85
CA THR A 173 5.59 -14.78 10.93
C THR A 173 5.48 -13.26 11.16
N THR A 174 4.25 -12.76 11.38
CA THR A 174 4.07 -11.31 11.61
C THR A 174 4.84 -10.86 12.87
N TYR A 175 4.77 -11.63 13.93
CA TYR A 175 5.54 -11.30 15.16
C TYR A 175 7.05 -11.32 14.86
N GLU A 176 7.58 -12.37 14.25
CA GLU A 176 9.01 -12.32 13.90
C GLU A 176 9.37 -11.06 13.16
N CYS A 177 8.61 -10.70 12.11
CA CYS A 177 9.04 -9.53 11.33
C CYS A 177 8.91 -8.22 12.09
N LEU A 178 7.75 -8.01 12.73
CA LEU A 178 7.44 -6.74 13.34
C LEU A 178 8.29 -6.55 14.62
N MET A 179 8.38 -7.59 15.42
CA MET A 179 9.09 -7.43 16.70
C MET A 179 10.59 -7.10 16.46
N PHE A 180 11.20 -7.67 15.43
CA PHE A 180 12.63 -7.58 15.17
C PHE A 180 12.95 -6.70 13.96
N ASN A 181 12.02 -5.89 13.49
CA ASN A 181 12.25 -5.04 12.32
C ASN A 181 12.90 -5.79 11.16
N LYS A 182 12.34 -6.97 10.78
CA LYS A 182 12.82 -7.77 9.67
C LYS A 182 11.80 -7.74 8.52
N PRO A 183 12.30 -7.76 7.28
CA PRO A 183 11.47 -7.68 6.13
C PRO A 183 10.61 -8.91 5.87
N PHE A 184 9.42 -8.69 5.26
CA PHE A 184 8.64 -9.80 4.67
C PHE A 184 9.20 -9.90 3.22
N LYS A 185 10.00 -10.92 3.00
CA LYS A 185 10.68 -11.10 1.73
C LYS A 185 9.84 -11.89 0.77
N TYR A 186 10.39 -11.98 -0.45
CA TYR A 186 9.70 -12.70 -1.50
C TYR A 186 9.29 -14.13 -1.12
N ASP A 187 10.20 -14.93 -0.59
CA ASP A 187 9.93 -16.32 -0.25
C ASP A 187 8.75 -16.47 0.74
N ILE A 188 8.69 -15.59 1.73
CA ILE A 188 7.56 -15.48 2.67
C ILE A 188 6.28 -15.04 2.00
N MET A 189 6.42 -14.05 1.12
CA MET A 189 5.25 -13.64 0.31
C MET A 189 4.72 -14.77 -0.55
N CYS A 190 5.57 -15.63 -1.13
CA CYS A 190 5.04 -16.71 -2.00
C CYS A 190 4.48 -17.85 -1.18
N GLU A 191 5.11 -18.09 -0.01
CA GLU A 191 4.66 -19.15 0.86
C GLU A 191 3.26 -18.87 1.41
N ASN A 192 2.86 -17.59 1.49
CA ASN A 192 1.52 -17.18 1.81
C ASN A 192 0.63 -16.77 0.66
N GLY A 193 0.98 -16.88 -0.63
CA GLY A 193 -0.01 -16.56 -1.70
C GLY A 193 -0.30 -15.09 -1.79
N PHE A 194 0.62 -14.30 -1.22
CA PHE A 194 0.46 -12.84 -1.18
C PHE A 194 0.65 -12.29 -2.62
N ILE A 195 1.57 -12.93 -3.34
CA ILE A 195 1.84 -12.52 -4.74
C ILE A 195 1.07 -13.46 -5.66
N SER A 196 0.21 -12.92 -6.51
CA SER A 196 -0.52 -13.78 -7.45
C SER A 196 0.36 -14.22 -8.64
N LYS A 197 1.25 -13.36 -9.08
CA LYS A 197 2.18 -13.74 -10.15
C LYS A 197 3.46 -12.94 -10.14
N ASN A 198 4.60 -13.63 -10.21
CA ASN A 198 5.92 -13.02 -10.31
C ASN A 198 6.28 -12.98 -11.81
N PHE A 199 6.66 -11.84 -12.33
CA PHE A 199 6.88 -11.69 -13.77
C PHE A 199 8.34 -11.95 -14.11
N ASN A 200 9.21 -12.01 -13.10
CA ASN A 200 10.61 -12.31 -13.26
C ASN A 200 11.28 -11.43 -14.33
N MET A 201 11.19 -10.11 -14.16
CA MET A 201 11.80 -9.14 -15.03
C MET A 201 12.86 -8.38 -14.27
N PRO A 202 13.86 -7.84 -15.02
CA PRO A 202 14.91 -7.10 -14.37
C PRO A 202 14.31 -5.91 -13.62
N SER A 203 14.99 -5.49 -12.56
CA SER A 203 14.58 -4.31 -11.84
C SER A 203 14.86 -2.97 -12.49
N SER A 204 15.50 -2.95 -13.65
CA SER A 204 15.91 -1.77 -14.39
C SER A 204 14.80 -1.37 -15.35
N ASN A 205 13.78 -2.21 -15.42
CA ASN A 205 12.62 -1.79 -16.22
C ASN A 205 11.27 -2.16 -15.59
N ALA A 206 10.83 -1.31 -14.65
CA ALA A 206 9.44 -1.26 -14.11
C ALA A 206 8.43 -0.90 -15.15
N GLU A 207 8.90 -0.08 -16.13
CA GLU A 207 8.03 0.38 -17.22
C GLU A 207 7.52 -0.76 -18.04
N ALA A 208 8.45 -1.68 -18.42
CA ALA A 208 7.95 -2.86 -19.16
C ALA A 208 7.12 -3.79 -18.30
N PHE A 209 7.45 -3.93 -17.02
CA PHE A 209 6.61 -4.82 -16.12
C PHE A 209 5.23 -4.27 -15.95
N ASN A 210 5.20 -2.92 -15.75
CA ASN A 210 3.88 -2.24 -15.66
C ASN A 210 3.00 -2.49 -16.81
N ALA A 211 3.62 -2.39 -18.04
CA ALA A 211 2.80 -2.61 -19.25
C ALA A 211 2.41 -4.05 -19.44
N LYS A 212 3.34 -5.00 -19.14
CA LYS A 212 2.91 -6.43 -19.23
C LYS A 212 1.83 -6.82 -18.23
N VAL A 213 1.77 -6.17 -17.06
CA VAL A 213 0.62 -6.49 -16.12
C VAL A 213 -0.65 -6.03 -16.72
N LEU A 214 -0.60 -4.85 -17.37
CA LEU A 214 -1.83 -4.27 -17.99
C LEU A 214 -2.28 -5.03 -19.20
N GLU A 215 -1.28 -5.49 -19.99
CA GLU A 215 -1.61 -6.44 -21.06
C GLU A 215 -2.24 -7.70 -20.53
N GLU A 216 -1.72 -8.24 -19.40
CA GLU A 216 -2.45 -9.53 -19.01
C GLU A 216 -3.83 -9.26 -18.50
N LEU A 217 -3.95 -8.16 -17.72
CA LEU A 217 -5.23 -7.76 -17.19
C LEU A 217 -6.23 -7.55 -18.31
N ARG A 218 -5.89 -6.83 -19.38
CA ARG A 218 -6.85 -6.65 -20.51
C ARG A 218 -7.32 -7.95 -21.10
N GLU A 219 -6.40 -8.95 -21.18
CA GLU A 219 -6.90 -10.27 -21.63
C GLU A 219 -7.76 -10.99 -20.63
N LYS A 220 -7.46 -10.90 -19.33
CA LYS A 220 -8.25 -11.68 -18.34
C LYS A 220 -9.63 -11.11 -18.14
N VAL A 221 -9.89 -9.81 -18.33
CA VAL A 221 -11.28 -9.32 -18.14
C VAL A 221 -12.20 -9.60 -19.30
N LYS A 222 -11.65 -10.02 -20.46
CA LYS A 222 -12.49 -10.26 -21.62
C LYS A 222 -13.54 -11.30 -21.32
N GLY A 223 -14.81 -11.03 -21.70
CA GLY A 223 -15.87 -11.99 -21.50
C GLY A 223 -16.55 -11.85 -20.15
N LEU A 224 -15.84 -11.26 -19.16
CA LEU A 224 -16.43 -11.25 -17.83
C LEU A 224 -17.49 -10.20 -17.63
N TYR A 225 -18.42 -10.51 -16.71
CA TYR A 225 -19.38 -9.50 -16.29
C TYR A 225 -18.75 -8.68 -15.15
N LEU A 226 -18.21 -7.52 -15.45
CA LEU A 226 -17.50 -6.63 -14.56
C LEU A 226 -18.23 -6.20 -13.31
N PRO A 227 -19.54 -6.00 -13.31
CA PRO A 227 -20.27 -5.68 -12.08
C PRO A 227 -20.21 -6.88 -11.13
N SER A 228 -20.05 -8.11 -11.62
CA SER A 228 -19.90 -9.27 -10.76
C SER A 228 -18.59 -9.15 -9.93
N CYS A 229 -17.51 -8.61 -10.49
CA CYS A 229 -16.29 -8.38 -9.71
C CYS A 229 -16.52 -7.49 -8.52
N LEU A 230 -17.27 -6.40 -8.72
CA LEU A 230 -17.53 -5.45 -7.62
C LEU A 230 -18.47 -6.05 -6.60
N GLY A 231 -19.44 -6.84 -7.05
CA GLY A 231 -20.43 -7.41 -6.11
C GLY A 231 -19.73 -8.47 -5.22
N MET A 232 -18.79 -9.27 -5.76
CA MET A 232 -18.07 -10.26 -5.00
C MET A 232 -17.11 -9.56 -4.02
N LYS A 233 -16.50 -8.45 -4.45
CA LYS A 233 -15.60 -7.68 -3.61
C LYS A 233 -16.38 -7.09 -2.43
N LYS A 234 -17.55 -6.55 -2.73
CA LYS A 234 -18.37 -6.00 -1.61
C LYS A 234 -18.65 -7.07 -0.53
N LEU A 235 -19.04 -8.27 -0.94
CA LEU A 235 -19.28 -9.34 0.04
C LEU A 235 -17.97 -9.80 0.68
N LEU A 236 -16.90 -9.87 -0.13
CA LEU A 236 -15.60 -10.33 0.40
C LEU A 236 -15.09 -9.41 1.48
N LYS A 237 -15.15 -8.09 1.22
CA LYS A 237 -14.70 -7.08 2.14
C LYS A 237 -15.50 -7.04 3.45
N SER A 238 -16.74 -7.55 3.47
CA SER A 238 -17.52 -7.47 4.74
C SER A 238 -16.98 -8.47 5.76
N ASN A 239 -16.14 -9.44 5.35
CA ASN A 239 -15.53 -10.36 6.32
C ASN A 239 -14.70 -9.53 7.35
N HIS A 240 -13.82 -8.60 6.94
CA HIS A 240 -12.86 -7.98 7.89
C HIS A 240 -12.98 -6.47 7.94
N ILE A 241 -14.03 -5.88 7.28
CA ILE A 241 -14.09 -4.44 7.20
C ILE A 241 -14.23 -3.76 8.54
N ASP A 242 -15.03 -4.21 9.47
CA ASP A 242 -15.08 -3.65 10.79
C ASP A 242 -13.74 -3.74 11.53
N ALA A 243 -13.11 -4.92 11.41
CA ALA A 243 -11.78 -5.05 12.07
C ALA A 243 -10.83 -4.02 11.47
N PHE A 244 -10.83 -3.82 10.13
CA PHE A 244 -9.91 -2.87 9.53
C PHE A 244 -10.21 -1.46 10.03
N ASN A 245 -11.48 -1.04 10.04
CA ASN A 245 -11.81 0.33 10.51
C ASN A 245 -11.43 0.50 11.97
N LYS A 246 -11.70 -0.54 12.77
CA LYS A 246 -11.30 -0.48 14.18
C LYS A 246 -9.80 -0.34 14.28
N ALA A 247 -9.01 -1.20 13.61
CA ALA A 247 -7.54 -1.08 13.67
C ALA A 247 -7.03 0.30 13.28
N ASN A 248 -7.59 0.90 12.23
CA ASN A 248 -7.19 2.23 11.81
C ASN A 248 -7.36 3.21 13.00
N SER A 249 -8.49 3.10 13.68
CA SER A 249 -8.71 4.04 14.84
C SER A 249 -7.90 3.71 16.06
N VAL A 250 -7.75 2.42 16.47
CA VAL A 250 -6.93 2.17 17.65
C VAL A 250 -5.44 2.27 17.36
N GLU A 251 -5.01 2.02 16.09
CA GLU A 251 -3.53 2.23 15.89
C GLU A 251 -3.20 3.70 16.23
N VAL A 252 -4.01 4.61 15.76
CA VAL A 252 -3.81 6.05 15.96
C VAL A 252 -3.95 6.44 17.42
N ASN A 253 -5.02 5.93 18.10
CA ASN A 253 -5.18 6.19 19.51
C ASN A 253 -3.98 5.75 20.31
N GLU A 254 -3.52 4.52 20.00
CA GLU A 254 -2.43 3.96 20.77
C GLU A 254 -1.09 4.65 20.54
N SER A 255 -0.78 5.14 19.34
CA SER A 255 0.51 5.75 19.10
C SER A 255 0.71 7.08 19.88
N LEU A 256 -0.37 7.81 20.21
CA LEU A 256 -0.29 9.17 20.75
C LEU A 256 0.69 9.28 21.91
N LYS A 257 0.66 8.30 22.83
CA LYS A 257 1.63 8.33 23.93
C LYS A 257 3.06 8.11 23.45
N TYR A 258 3.25 7.37 22.36
CA TYR A 258 4.61 7.20 21.83
C TYR A 258 5.10 8.58 21.38
N TRP A 259 4.24 9.34 20.69
CA TRP A 259 4.57 10.69 20.29
C TRP A 259 4.75 11.62 21.51
N VAL A 260 3.87 11.52 22.51
CA VAL A 260 4.02 12.39 23.69
C VAL A 260 5.37 12.11 24.36
N ASP A 261 5.80 10.87 24.50
CA ASP A 261 7.10 10.54 25.05
C ASP A 261 8.23 11.13 24.19
N GLY A 262 8.07 11.23 22.87
CA GLY A 262 9.13 11.86 22.07
C GLY A 262 10.12 10.91 21.45
N GLU A 263 10.04 9.58 21.72
CA GLU A 263 11.02 8.70 21.02
C GLU A 263 11.01 8.82 19.51
N PRO A 264 9.84 8.75 18.84
CA PRO A 264 9.80 8.79 17.38
C PRO A 264 10.47 10.05 16.83
N LEU A 265 10.19 11.21 17.42
CA LEU A 265 10.80 12.48 17.06
C LEU A 265 12.33 12.36 17.02
N LYS A 266 12.93 11.92 18.11
CA LYS A 266 14.37 11.66 18.10
C LYS A 266 14.73 10.75 16.93
N ARG A 267 14.25 9.50 16.89
CA ARG A 267 14.60 8.57 15.82
C ARG A 267 14.29 9.05 14.42
N PHE A 268 13.22 9.82 14.24
CA PHE A 268 12.88 10.42 12.97
C PHE A 268 13.93 11.46 12.56
N ARG A 269 14.69 11.97 13.52
CA ARG A 269 15.89 12.78 13.32
C ARG A 269 17.06 11.80 13.17
N GLN A 270 17.14 11.12 12.03
CA GLN A 270 18.10 10.09 11.73
C GLN A 270 17.78 9.53 10.32
#